data_9DKQ
#
_entry.id   9DKQ
#
_cell.length_a   85.615
_cell.length_b   85.615
_cell.length_c   140.161
_cell.angle_alpha   90.000
_cell.angle_beta   90.000
_cell.angle_gamma   120.000
#
_symmetry.space_group_name_H-M   'P 64'
#
loop_
_entity.id
_entity.type
_entity.pdbx_description
1 polymer 'Dihydroorotate dehydrogenase (quinone), mitochondrial'
2 non-polymer 4,6-dicyclopropyl-3-{[3-fluoro-4-(trifluoromethyl)phenyl]methyl}-2-methyl-2,6-dihydro-7H-pyrazolo[3,4-d]pyridazin-7-one
3 non-polymer 'FLAVIN MONONUCLEOTIDE'
4 non-polymer 6-[bis(oxidanyl)methyl]-5~{H}-pyrimidine-2,4-dione
#
_entity_poly.entity_id   1
_entity_poly.type   'polypeptide(L)'
_entity_poly.pdbx_seq_one_letter_code
;MGHHHHHHAENLYFQGADPFESYNPEFFLYDIFLKFCLKYIDGEICHDLFLLLGKYNILPYDTSNDSIYACTNIKHLDFI
NPFGVAAGFDKNGVCIDSILKLGFSFIEIGTITPRGQTGNAKPRIFRDVESRSIINSCGFNNMGCDKVTENLILFRKRQE
EDKLLSKHIVGVSIGKNKDTVNIVDDLKYCINKIGRYADYIAINVSSPNTPGLRDNQEAGKLKNIILSVKEEIDNLEKNN
IMNDEFLWFNTTKKKPLVFVKLAPDLNQEQKKEIADVLLETNIDGMIISNTTTQINDIKSFENKKGGVSGAKLKDISTKF
ICEMYNYTNKQIPIIASGGIFSGLDALEKIEAGASVCQLYSCLVFNGMKSAVQIKRELNHLLYQRGYYNLKEAIGRKHSK
S
;
_entity_poly.pdbx_strand_id   A
#
loop_
_chem_comp.id
_chem_comp.type
_chem_comp.name
_chem_comp.formula
A1A5Q non-polymer 4,6-dicyclopropyl-3-{[3-fluoro-4-(trifluoromethyl)phenyl]methyl}-2-methyl-2,6-dihydro-7H-pyrazolo[3,4-d]pyridazin-7-one 'C20 H18 F4 N4 O'
FMN non-polymer 'FLAVIN MONONUCLEOTIDE' 'C17 H21 N4 O9 P'
OG6 non-polymer 6-[bis(oxidanyl)methyl]-5~{H}-pyrimidine-2,4-dione 'C5 H6 N2 O4'
#
# COMPACT_ATOMS: atom_id res chain seq x y z
N PHE A 28 4.40 -19.21 15.21
CA PHE A 28 4.04 -20.55 14.78
C PHE A 28 2.70 -20.91 15.42
N LEU A 29 2.59 -20.66 16.73
CA LEU A 29 1.34 -20.88 17.43
C LEU A 29 0.20 -20.12 16.76
N TYR A 30 0.48 -18.92 16.28
CA TYR A 30 -0.57 -18.13 15.63
C TYR A 30 -1.11 -18.82 14.39
N ASP A 31 -0.28 -19.65 13.74
CA ASP A 31 -0.75 -20.39 12.57
C ASP A 31 -1.74 -21.48 12.96
N ILE A 32 -1.68 -21.97 14.20
CA ILE A 32 -2.74 -22.81 14.72
C ILE A 32 -4.02 -22.00 14.86
N PHE A 33 -3.92 -20.81 15.47
CA PHE A 33 -5.08 -19.96 15.64
C PHE A 33 -5.71 -19.60 14.30
N LEU A 34 -4.88 -19.43 13.26
CA LEU A 34 -5.36 -18.91 11.99
C LEU A 34 -6.38 -19.84 11.36
N LYS A 35 -6.04 -21.13 11.23
CA LYS A 35 -6.95 -22.07 10.60
C LYS A 35 -8.27 -22.17 11.36
N PHE A 36 -8.31 -21.74 12.61
CA PHE A 36 -9.57 -21.60 13.32
C PHE A 36 -10.28 -20.29 12.94
N CYS A 37 -9.59 -19.15 13.10
CA CYS A 37 -10.21 -17.86 12.80
C CYS A 37 -10.73 -17.80 11.38
N LEU A 38 -10.17 -18.61 10.46
CA LEU A 38 -10.63 -18.63 9.09
C LEU A 38 -11.89 -19.48 8.92
N LYS A 39 -11.99 -20.59 9.67
CA LYS A 39 -13.15 -21.46 9.56
C LYS A 39 -14.38 -20.85 10.21
N TYR A 40 -14.23 -20.27 11.39
CA TYR A 40 -15.36 -19.95 12.25
C TYR A 40 -15.65 -18.48 12.42
N ILE A 41 -14.63 -17.61 12.42
CA ILE A 41 -14.81 -16.23 12.84
C ILE A 41 -14.95 -15.32 11.63
N ASP A 42 -15.76 -14.27 11.80
CA ASP A 42 -15.89 -13.24 10.76
C ASP A 42 -14.55 -12.56 10.52
N GLY A 43 -14.37 -12.07 9.29
CA GLY A 43 -13.09 -11.47 8.92
C GLY A 43 -12.74 -10.26 9.76
N GLU A 44 -13.64 -9.28 9.83
CA GLU A 44 -13.35 -8.05 10.55
C GLU A 44 -13.00 -8.32 12.01
N ILE A 45 -13.70 -9.27 12.63
CA ILE A 45 -13.36 -9.63 14.01
C ILE A 45 -11.95 -10.18 14.08
N CYS A 46 -11.58 -11.06 13.13
CA CYS A 46 -10.19 -11.52 13.07
C CYS A 46 -9.25 -10.34 12.82
N HIS A 47 -9.65 -9.42 11.94
CA HIS A 47 -8.82 -8.25 11.66
C HIS A 47 -8.59 -7.43 12.92
N ASP A 48 -9.68 -7.06 13.61
CA ASP A 48 -9.56 -6.22 14.80
C ASP A 48 -8.74 -6.89 15.89
N LEU A 49 -8.82 -8.22 16.00
CA LEU A 49 -8.04 -8.94 17.00
C LEU A 49 -6.55 -8.83 16.70
N PHE A 50 -6.16 -9.03 15.44
CA PHE A 50 -4.76 -8.90 15.04
C PHE A 50 -4.24 -7.50 15.33
N LEU A 51 -5.01 -6.48 14.94
CA LEU A 51 -4.64 -5.11 15.29
C LEU A 51 -4.53 -4.95 16.80
N LEU A 52 -5.43 -5.60 17.54
CA LEU A 52 -5.41 -5.47 19.00
C LEU A 52 -4.20 -6.16 19.60
N LEU A 53 -3.87 -7.35 19.12
CA LEU A 53 -2.66 -8.02 19.60
C LEU A 53 -1.44 -7.15 19.37
N GLY A 54 -1.34 -6.51 18.21
CA GLY A 54 -0.23 -5.62 17.94
C GLY A 54 -0.26 -4.36 18.77
N LYS A 55 -1.47 -3.86 19.08
CA LYS A 55 -1.58 -2.69 19.94
C LYS A 55 -0.90 -2.94 21.28
N TYR A 56 -1.09 -4.13 21.85
CA TYR A 56 -0.51 -4.47 23.14
C TYR A 56 0.84 -5.16 23.02
N ASN A 57 1.46 -5.14 21.84
CA ASN A 57 2.84 -5.61 21.66
C ASN A 57 2.99 -7.08 22.07
N ILE A 58 2.09 -7.92 21.56
CA ILE A 58 2.15 -9.35 21.80
C ILE A 58 2.25 -10.14 20.49
N LEU A 59 2.72 -9.49 19.43
CA LEU A 59 2.99 -10.15 18.17
C LEU A 59 4.46 -10.55 18.09
N PRO A 60 4.82 -11.48 17.21
CA PRO A 60 6.21 -11.90 17.09
C PRO A 60 7.08 -10.87 16.41
N TYR A 61 8.39 -11.00 16.62
CA TYR A 61 9.39 -10.12 16.04
C TYR A 61 10.40 -10.91 15.22
N ASP A 62 10.75 -10.39 14.04
CA ASP A 62 11.87 -10.87 13.25
C ASP A 62 13.01 -9.86 13.42
N THR A 63 14.09 -10.29 14.09
CA THR A 63 15.20 -9.41 14.40
C THR A 63 16.44 -9.73 13.56
N SER A 64 16.28 -10.49 12.49
CA SER A 64 17.41 -10.92 11.69
C SER A 64 17.74 -9.89 10.62
N ASN A 65 19.00 -9.93 10.17
CA ASN A 65 19.44 -9.05 9.10
C ASN A 65 18.79 -9.44 7.78
N ASP A 66 18.23 -8.45 7.09
CA ASP A 66 17.77 -8.67 5.73
C ASP A 66 18.95 -8.61 4.77
N SER A 67 18.92 -9.45 3.75
CA SER A 67 19.97 -9.46 2.75
C SER A 67 20.09 -8.07 2.12
N ILE A 68 21.30 -7.50 2.18
CA ILE A 68 21.52 -6.25 1.45
C ILE A 68 21.38 -6.49 -0.04
N TYR A 69 21.45 -7.75 -0.47
CA TYR A 69 21.29 -8.09 -1.88
C TYR A 69 19.84 -7.97 -2.34
N ALA A 70 18.90 -7.71 -1.43
CA ALA A 70 17.49 -7.61 -1.76
C ALA A 70 16.90 -6.24 -1.47
N CYS A 71 17.70 -5.27 -1.04
CA CYS A 71 17.17 -3.93 -0.82
CA CYS A 71 17.20 -3.93 -0.82
C CYS A 71 16.70 -3.34 -2.14
N THR A 72 15.91 -2.27 -2.03
CA THR A 72 15.39 -1.59 -3.21
C THR A 72 15.11 -0.15 -2.85
N ASN A 73 14.82 0.66 -3.87
CA ASN A 73 14.62 2.08 -3.65
C ASN A 73 13.67 2.65 -4.70
N ILE A 74 13.03 3.76 -4.34
CA ILE A 74 12.31 4.60 -5.29
C ILE A 74 12.82 6.02 -5.06
N LYS A 75 13.70 6.49 -5.94
CA LYS A 75 14.38 7.78 -5.76
C LYS A 75 15.10 7.72 -4.42
N HIS A 76 14.91 8.68 -3.52
CA HIS A 76 15.65 8.69 -2.26
C HIS A 76 14.92 7.95 -1.14
N LEU A 77 13.92 7.14 -1.47
CA LEU A 77 13.33 6.21 -0.52
C LEU A 77 14.13 4.90 -0.59
N ASP A 78 14.80 4.55 0.50
CA ASP A 78 15.62 3.35 0.55
C ASP A 78 14.90 2.30 1.38
N PHE A 79 14.58 1.16 0.75
CA PHE A 79 13.82 0.10 1.38
C PHE A 79 14.76 -1.03 1.79
N ILE A 80 14.74 -1.37 3.08
CA ILE A 80 15.63 -2.41 3.59
C ILE A 80 15.29 -3.76 2.97
N ASN A 81 14.05 -3.95 2.55
CA ASN A 81 13.65 -5.13 1.81
C ASN A 81 12.45 -4.77 0.95
N PRO A 82 12.10 -5.61 -0.03
CA PRO A 82 11.13 -5.18 -1.04
C PRO A 82 9.68 -5.48 -0.71
N PHE A 83 9.36 -5.70 0.57
CA PHE A 83 8.03 -6.12 0.96
C PHE A 83 7.48 -5.20 2.04
N GLY A 84 6.32 -4.60 1.75
CA GLY A 84 5.59 -3.82 2.75
C GLY A 84 4.16 -4.33 2.86
N VAL A 85 3.40 -3.64 3.69
CA VAL A 85 1.99 -3.95 3.91
C VAL A 85 1.15 -2.93 3.16
N ALA A 86 0.15 -3.42 2.42
CA ALA A 86 -0.66 -2.55 1.58
C ALA A 86 -1.59 -1.69 2.42
N ALA A 87 -2.19 -0.69 1.77
CA ALA A 87 -3.13 0.18 2.44
C ALA A 87 -4.38 -0.58 2.83
N GLY A 88 -5.13 -0.02 3.78
CA GLY A 88 -6.31 -0.65 4.31
C GLY A 88 -6.06 -1.63 5.44
N PHE A 89 -4.80 -1.96 5.72
CA PHE A 89 -4.51 -2.93 6.76
C PHE A 89 -4.54 -2.28 8.14
N ASP A 90 -3.69 -1.28 8.36
CA ASP A 90 -3.73 -0.44 9.56
C ASP A 90 -4.27 0.92 9.12
N LYS A 91 -5.60 0.99 8.97
CA LYS A 91 -6.22 2.18 8.43
C LYS A 91 -5.97 3.41 9.30
N ASN A 92 -5.83 3.22 10.61
CA ASN A 92 -5.77 4.33 11.55
C ASN A 92 -4.43 4.43 12.27
N GLY A 93 -3.42 3.69 11.81
CA GLY A 93 -2.09 3.82 12.37
C GLY A 93 -2.03 3.57 13.85
N VAL A 94 -2.74 2.55 14.35
CA VAL A 94 -2.72 2.19 15.75
C VAL A 94 -1.84 0.98 16.03
N CYS A 95 -1.27 0.38 14.98
CA CYS A 95 -0.57 -0.90 15.09
C CYS A 95 0.70 -0.90 14.25
N ILE A 96 1.28 0.28 14.01
CA ILE A 96 2.39 0.39 13.07
C ILE A 96 3.60 -0.36 13.60
N ASP A 97 3.97 -0.10 14.86
CA ASP A 97 5.17 -0.69 15.43
C ASP A 97 5.18 -2.21 15.25
N SER A 98 4.15 -2.88 15.75
CA SER A 98 4.20 -4.33 15.88
C SER A 98 4.17 -5.02 14.52
N ILE A 99 3.40 -4.49 13.58
CA ILE A 99 3.35 -5.09 12.24
C ILE A 99 4.70 -4.95 11.56
N LEU A 100 5.28 -3.75 11.61
CA LEU A 100 6.59 -3.55 11.00
C LEU A 100 7.64 -4.45 11.67
N LYS A 101 7.64 -4.50 13.00
CA LYS A 101 8.58 -5.36 13.70
C LYS A 101 8.39 -6.83 13.35
N LEU A 102 7.30 -7.18 12.67
CA LEU A 102 7.09 -8.54 12.21
C LEU A 102 8.02 -8.90 11.05
N GLY A 103 8.65 -7.92 10.41
CA GLY A 103 9.63 -8.20 9.38
C GLY A 103 9.39 -7.49 8.07
N PHE A 104 8.50 -6.50 8.06
CA PHE A 104 8.24 -5.72 6.86
C PHE A 104 9.11 -4.47 6.83
N SER A 105 9.49 -4.06 5.62
CA SER A 105 10.34 -2.89 5.47
C SER A 105 9.56 -1.58 5.50
N PHE A 106 8.27 -1.62 5.17
CA PHE A 106 7.45 -0.41 5.17
C PHE A 106 5.99 -0.80 5.24
N ILE A 107 5.15 0.18 5.56
CA ILE A 107 3.72 -0.03 5.68
C ILE A 107 3.01 1.19 5.13
N GLU A 108 1.88 0.96 4.45
CA GLU A 108 1.04 2.01 3.91
C GLU A 108 -0.23 2.05 4.74
N ILE A 109 -0.38 3.08 5.58
CA ILE A 109 -1.58 3.23 6.39
C ILE A 109 -2.63 3.96 5.56
N GLY A 110 -3.86 4.00 6.03
CA GLY A 110 -4.97 4.51 5.24
C GLY A 110 -5.70 3.37 4.56
N THR A 111 -6.55 3.75 3.59
CA THR A 111 -6.77 5.12 3.17
C THR A 111 -7.51 5.93 4.22
N ILE A 112 -7.04 7.16 4.43
CA ILE A 112 -7.64 8.07 5.42
C ILE A 112 -8.40 9.16 4.68
N THR A 113 -9.37 9.74 5.38
CA THR A 113 -10.17 10.86 4.90
C THR A 113 -10.12 11.96 5.95
N PRO A 114 -10.41 13.21 5.55
CA PRO A 114 -10.29 14.32 6.51
C PRO A 114 -11.04 14.10 7.81
N ARG A 115 -12.32 13.76 7.74
CA ARG A 115 -13.09 13.42 8.93
C ARG A 115 -13.40 11.93 8.94
N GLY A 116 -13.63 11.40 10.13
CA GLY A 116 -13.88 9.98 10.27
C GLY A 116 -15.15 9.56 9.56
N GLN A 117 -15.15 8.30 9.12
CA GLN A 117 -16.31 7.68 8.49
C GLN A 117 -16.50 6.28 9.06
N THR A 118 -17.76 5.87 9.15
CA THR A 118 -18.08 4.52 9.59
C THR A 118 -17.99 3.50 8.45
N GLY A 119 -18.05 3.97 7.21
CA GLY A 119 -18.01 3.08 6.07
C GLY A 119 -19.38 2.54 5.73
N ASN A 120 -19.40 1.63 4.76
CA ASN A 120 -20.64 0.99 4.35
C ASN A 120 -21.12 0.05 5.46
N ALA A 121 -22.34 -0.48 5.27
CA ALA A 121 -22.97 -1.28 6.29
C ALA A 121 -22.29 -2.65 6.42
N LYS A 122 -22.06 -3.06 7.68
CA LYS A 122 -21.51 -4.37 7.99
C LYS A 122 -22.62 -5.42 7.91
N PRO A 123 -22.29 -6.67 7.55
CA PRO A 123 -20.96 -7.21 7.17
C PRO A 123 -20.55 -6.76 5.77
N ARG A 124 -19.23 -6.63 5.56
CA ARG A 124 -18.71 -6.04 4.33
C ARG A 124 -17.44 -6.69 3.82
N ILE A 125 -16.92 -7.74 4.47
CA ILE A 125 -15.76 -8.46 3.98
C ILE A 125 -16.06 -9.96 4.03
N PHE A 126 -15.74 -10.66 2.95
CA PHE A 126 -16.02 -12.09 2.81
C PHE A 126 -14.78 -12.75 2.20
N ARG A 127 -14.53 -13.99 2.61
CA ARG A 127 -13.32 -14.68 2.18
C ARG A 127 -13.62 -16.12 1.79
N ASP A 128 -13.12 -16.52 0.62
CA ASP A 128 -13.24 -17.88 0.13
C ASP A 128 -11.84 -18.50 0.14
N VAL A 129 -11.60 -19.41 1.09
CA VAL A 129 -10.28 -19.99 1.25
C VAL A 129 -9.85 -20.74 0.00
N GLU A 130 -10.79 -21.36 -0.71
CA GLU A 130 -10.42 -22.23 -1.82
C GLU A 130 -9.64 -21.46 -2.89
N SER A 131 -10.08 -20.27 -3.25
CA SER A 131 -9.38 -19.44 -4.21
C SER A 131 -8.44 -18.44 -3.56
N ARG A 132 -8.28 -18.52 -2.24
CA ARG A 132 -7.45 -17.57 -1.48
C ARG A 132 -7.74 -16.15 -1.94
N SER A 133 -9.01 -15.79 -1.93
CA SER A 133 -9.48 -14.50 -2.40
C SER A 133 -10.36 -13.85 -1.34
N ILE A 134 -10.57 -12.53 -1.50
CA ILE A 134 -11.40 -11.75 -0.59
C ILE A 134 -12.22 -10.77 -1.42
N ILE A 135 -13.42 -10.46 -0.94
CA ILE A 135 -14.23 -9.37 -1.48
C ILE A 135 -14.61 -8.45 -0.33
N ASN A 136 -14.54 -7.14 -0.58
CA ASN A 136 -14.78 -6.17 0.47
C ASN A 136 -15.49 -4.95 -0.10
N SER A 137 -16.36 -4.36 0.72
CA SER A 137 -16.99 -3.08 0.42
C SER A 137 -16.96 -2.23 1.70
N CYS A 138 -15.75 -1.98 2.19
CA CYS A 138 -15.59 -1.28 3.46
C CYS A 138 -16.05 0.16 3.35
N GLY A 139 -15.61 0.88 2.33
CA GLY A 139 -16.01 2.25 2.15
C GLY A 139 -15.26 3.25 3.00
N PHE A 140 -13.94 3.11 3.09
CA PHE A 140 -13.08 4.07 3.78
C PHE A 140 -13.57 4.37 5.21
N ASN A 141 -13.71 3.32 6.00
CA ASN A 141 -13.96 3.50 7.43
C ASN A 141 -12.66 3.91 8.11
N ASN A 142 -12.70 5.00 8.86
CA ASN A 142 -11.52 5.48 9.56
C ASN A 142 -11.94 6.54 10.57
N MET A 143 -11.07 6.79 11.55
CA MET A 143 -11.34 7.75 12.60
C MET A 143 -11.04 9.19 12.18
N GLY A 144 -10.56 9.41 10.97
CA GLY A 144 -10.32 10.75 10.48
C GLY A 144 -8.87 11.17 10.60
N CYS A 145 -8.51 12.19 9.81
CA CYS A 145 -7.11 12.60 9.69
C CYS A 145 -6.55 13.07 11.02
N ASP A 146 -7.28 13.93 11.73
CA ASP A 146 -6.74 14.54 12.94
C ASP A 146 -6.32 13.49 13.96
N LYS A 147 -7.17 12.48 14.17
CA LYS A 147 -6.87 11.46 15.18
C LYS A 147 -5.75 10.53 14.72
N VAL A 148 -5.78 10.12 13.45
CA VAL A 148 -4.75 9.24 12.93
C VAL A 148 -3.40 9.95 12.91
N THR A 149 -3.40 11.24 12.56
CA THR A 149 -2.16 12.01 12.59
C THR A 149 -1.55 11.99 13.99
N GLU A 150 -2.38 12.14 15.02
CA GLU A 150 -1.86 12.09 16.39
C GLU A 150 -1.29 10.72 16.70
N ASN A 151 -1.89 9.66 16.16
CA ASN A 151 -1.36 8.31 16.35
C ASN A 151 0.02 8.19 15.71
N LEU A 152 0.19 8.72 14.51
CA LEU A 152 1.48 8.59 13.83
C LEU A 152 2.53 9.49 14.51
N ILE A 153 2.12 10.66 15.00
CA ILE A 153 3.05 11.48 15.78
C ILE A 153 3.61 10.67 16.94
N LEU A 154 2.73 9.95 17.65
CA LEU A 154 3.18 9.09 18.74
C LEU A 154 4.14 8.03 18.22
N PHE A 155 3.79 7.38 17.10
CA PHE A 155 4.67 6.37 16.53
C PHE A 155 6.04 6.95 16.21
N ARG A 156 6.06 8.11 15.52
CA ARG A 156 7.33 8.71 15.13
C ARG A 156 8.21 9.00 16.35
N LYS A 157 7.60 9.30 17.50
CA LYS A 157 8.40 9.50 18.70
C LYS A 157 8.97 8.19 19.22
N ARG A 158 8.22 7.09 19.11
CA ARG A 158 8.77 5.79 19.45
C ARG A 158 9.81 5.34 18.43
N GLN A 159 9.57 5.58 17.15
CA GLN A 159 10.54 5.22 16.13
C GLN A 159 11.88 5.88 16.39
N GLU A 160 11.84 7.13 16.85
CA GLU A 160 13.06 7.88 17.14
C GLU A 160 13.93 7.19 18.19
N GLU A 161 13.36 6.28 18.98
CA GLU A 161 14.05 5.69 20.09
C GLU A 161 14.35 4.21 19.93
N ASP A 162 13.85 3.55 18.88
CA ASP A 162 13.95 2.11 18.73
C ASP A 162 14.68 1.78 17.44
N LYS A 163 15.82 1.11 17.55
CA LYS A 163 16.62 0.81 16.37
C LYS A 163 15.91 -0.17 15.45
N LEU A 164 15.21 -1.15 16.02
CA LEU A 164 14.49 -2.11 15.20
C LEU A 164 13.46 -1.44 14.31
N LEU A 165 13.07 -0.21 14.63
CA LEU A 165 12.17 0.59 13.81
C LEU A 165 12.88 1.73 13.10
N SER A 166 14.20 1.83 13.23
CA SER A 166 14.88 3.06 12.85
C SER A 166 14.92 3.28 11.34
N LYS A 167 14.91 2.21 10.56
CA LYS A 167 15.05 2.32 9.11
C LYS A 167 13.77 1.97 8.36
N HIS A 168 12.63 1.98 9.04
CA HIS A 168 11.37 1.55 8.46
C HIS A 168 10.55 2.75 7.98
N ILE A 169 9.92 2.58 6.82
CA ILE A 169 9.26 3.66 6.10
C ILE A 169 7.77 3.53 6.28
N VAL A 170 7.10 4.66 6.50
CA VAL A 170 5.66 4.71 6.66
C VAL A 170 5.10 5.69 5.65
N GLY A 171 4.35 5.18 4.68
CA GLY A 171 3.59 6.01 3.77
C GLY A 171 2.15 6.10 4.21
N VAL A 172 1.44 7.10 3.70
CA VAL A 172 0.06 7.36 4.07
C VAL A 172 -0.78 7.41 2.81
N SER A 173 -1.80 6.55 2.75
CA SER A 173 -2.77 6.57 1.66
C SER A 173 -3.90 7.53 2.01
N ILE A 174 -4.29 8.37 1.06
CA ILE A 174 -5.28 9.41 1.29
C ILE A 174 -6.35 9.31 0.20
N GLY A 175 -7.60 9.54 0.59
CA GLY A 175 -8.73 9.50 -0.32
C GLY A 175 -9.79 10.49 0.13
N LYS A 176 -10.91 10.49 -0.58
CA LYS A 176 -11.99 11.41 -0.29
C LYS A 176 -13.06 10.75 0.57
N ASN A 177 -13.72 11.57 1.39
CA ASN A 177 -14.94 11.13 2.05
C ASN A 177 -16.00 10.78 1.02
N LYS A 178 -16.91 9.89 1.39
CA LYS A 178 -17.87 9.39 0.41
C LYS A 178 -18.68 10.52 -0.21
N ASP A 179 -19.06 11.51 0.59
CA ASP A 179 -19.96 12.56 0.13
C ASP A 179 -19.24 13.83 -0.31
N THR A 180 -17.92 13.88 -0.18
CA THR A 180 -17.18 15.05 -0.64
C THR A 180 -17.36 15.24 -2.14
N VAL A 181 -17.54 16.49 -2.56
CA VAL A 181 -17.73 16.77 -3.98
C VAL A 181 -16.39 16.85 -4.70
N ASN A 182 -15.44 17.61 -4.15
CA ASN A 182 -14.14 17.84 -4.77
CA ASN A 182 -14.14 17.84 -4.77
C ASN A 182 -13.09 17.04 -4.03
N ILE A 183 -12.35 16.20 -4.77
CA ILE A 183 -11.34 15.35 -4.16
C ILE A 183 -10.15 16.18 -3.70
N VAL A 184 -9.71 17.12 -4.53
CA VAL A 184 -8.56 17.95 -4.21
C VAL A 184 -8.68 18.53 -2.80
N ASP A 185 -9.87 19.02 -2.45
CA ASP A 185 -10.04 19.66 -1.16
C ASP A 185 -9.74 18.69 -0.02
N ASP A 186 -10.14 17.43 -0.16
CA ASP A 186 -9.81 16.43 0.85
C ASP A 186 -8.32 16.17 0.89
N LEU A 187 -7.71 15.96 -0.29
CA LEU A 187 -6.28 15.69 -0.34
C LEU A 187 -5.47 16.82 0.28
N LYS A 188 -5.86 18.06 0.02
CA LYS A 188 -5.11 19.19 0.54
C LYS A 188 -5.13 19.20 2.07
N TYR A 189 -6.31 19.02 2.67
CA TYR A 189 -6.40 19.03 4.12
C TYR A 189 -5.44 18.02 4.74
N CYS A 190 -5.45 16.78 4.24
CA CYS A 190 -4.60 15.74 4.80
C CYS A 190 -3.13 16.14 4.77
N ILE A 191 -2.65 16.60 3.61
CA ILE A 191 -1.25 16.98 3.48
C ILE A 191 -0.87 18.02 4.53
N ASN A 192 -1.68 19.07 4.64
CA ASN A 192 -1.36 20.15 5.57
C ASN A 192 -1.25 19.63 7.00
N LYS A 193 -2.07 18.64 7.37
CA LYS A 193 -2.09 18.14 8.74
C LYS A 193 -1.05 17.05 8.96
N ILE A 194 -0.97 16.08 8.05
CA ILE A 194 -0.13 14.91 8.26
C ILE A 194 1.05 14.83 7.31
N GLY A 195 1.11 15.68 6.28
CA GLY A 195 2.12 15.54 5.26
C GLY A 195 3.54 15.48 5.79
N ARG A 196 3.82 16.21 6.87
CA ARG A 196 5.18 16.30 7.37
C ARG A 196 5.63 15.07 8.15
N TYR A 197 4.72 14.15 8.45
CA TYR A 197 5.07 12.94 9.18
C TYR A 197 5.08 11.69 8.29
N ALA A 198 4.75 11.83 7.02
CA ALA A 198 4.72 10.71 6.10
C ALA A 198 6.00 10.67 5.26
N ASP A 199 6.45 9.46 4.94
CA ASP A 199 7.57 9.30 4.03
C ASP A 199 7.12 9.35 2.58
N TYR A 200 5.87 8.97 2.30
CA TYR A 200 5.30 9.15 0.97
C TYR A 200 3.78 9.21 1.11
N ILE A 201 3.15 9.76 0.06
CA ILE A 201 1.70 9.91 0.00
C ILE A 201 1.20 9.06 -1.17
N ALA A 202 0.20 8.24 -0.89
CA ALA A 202 -0.45 7.41 -1.91
C ALA A 202 -1.82 8.01 -2.22
N ILE A 203 -2.05 8.35 -3.48
CA ILE A 203 -3.31 8.92 -3.93
C ILE A 203 -4.20 7.76 -4.36
N ASN A 204 -5.29 7.55 -3.63
CA ASN A 204 -6.21 6.44 -3.91
C ASN A 204 -7.36 6.97 -4.74
N VAL A 205 -7.27 6.79 -6.05
CA VAL A 205 -8.36 7.10 -6.98
C VAL A 205 -8.95 5.81 -7.55
N SER A 206 -8.68 4.68 -6.92
CA SER A 206 -8.94 3.37 -7.50
C SER A 206 -9.85 2.49 -6.67
N SER A 207 -10.42 3.00 -5.58
CA SER A 207 -11.32 2.17 -4.79
C SER A 207 -12.60 1.92 -5.55
N PRO A 208 -13.07 0.67 -5.67
CA PRO A 208 -14.37 0.42 -6.30
C PRO A 208 -15.54 0.77 -5.40
N ASN A 209 -15.33 0.85 -4.09
CA ASN A 209 -16.42 0.96 -3.12
C ASN A 209 -16.71 2.39 -2.71
N THR A 210 -16.19 3.38 -3.44
CA THR A 210 -16.56 4.78 -3.24
C THR A 210 -17.15 5.28 -4.55
N PRO A 211 -18.39 5.77 -4.56
CA PRO A 211 -19.06 6.03 -5.85
C PRO A 211 -18.39 7.16 -6.62
N GLY A 212 -18.22 6.94 -7.91
CA GLY A 212 -17.62 7.94 -8.78
C GLY A 212 -16.17 8.23 -8.49
N LEU A 213 -15.53 7.49 -7.60
CA LEU A 213 -14.14 7.76 -7.25
C LEU A 213 -13.20 7.42 -8.40
N ARG A 214 -13.54 6.43 -9.22
CA ARG A 214 -12.73 6.05 -10.37
C ARG A 214 -13.04 6.89 -11.60
N ASP A 215 -13.95 7.85 -11.49
CA ASP A 215 -14.15 8.82 -12.56
C ASP A 215 -13.08 9.91 -12.53
N ASN A 216 -12.38 10.09 -11.40
CA ASN A 216 -11.28 11.03 -11.30
C ASN A 216 -9.99 10.49 -11.89
N GLN A 217 -9.92 9.18 -12.14
CA GLN A 217 -8.81 8.62 -12.90
C GLN A 217 -8.72 9.21 -14.30
N GLU A 218 -9.75 9.91 -14.76
CA GLU A 218 -9.69 10.63 -16.03
C GLU A 218 -8.42 11.48 -16.07
N ALA A 219 -7.90 11.70 -17.28
CA ALA A 219 -6.59 12.30 -17.41
C ALA A 219 -6.56 13.74 -16.91
N GLY A 220 -7.58 14.53 -17.22
CA GLY A 220 -7.53 15.94 -16.88
C GLY A 220 -7.67 16.19 -15.38
N LYS A 221 -8.70 15.60 -14.78
CA LYS A 221 -8.89 15.75 -13.33
C LYS A 221 -7.72 15.17 -12.56
N LEU A 222 -7.17 14.05 -13.03
CA LEU A 222 -6.03 13.45 -12.36
C LEU A 222 -4.83 14.38 -12.39
N LYS A 223 -4.60 15.06 -13.52
CA LYS A 223 -3.51 16.02 -13.60
C LYS A 223 -3.68 17.10 -12.53
N ASN A 224 -4.86 17.72 -12.48
CA ASN A 224 -5.08 18.78 -11.51
C ASN A 224 -4.89 18.26 -10.09
N ILE A 225 -5.39 17.06 -9.79
CA ILE A 225 -5.17 16.47 -8.48
C ILE A 225 -3.67 16.33 -8.22
N ILE A 226 -2.98 15.58 -9.07
CA ILE A 226 -1.56 15.32 -8.89
C ILE A 226 -0.80 16.62 -8.62
N LEU A 227 -0.94 17.58 -9.54
CA LEU A 227 -0.16 18.82 -9.40
C LEU A 227 -0.54 19.56 -8.13
N SER A 228 -1.78 19.42 -7.66
CA SER A 228 -2.15 20.04 -6.39
C SER A 228 -1.52 19.30 -5.22
N VAL A 229 -1.50 17.97 -5.26
CA VAL A 229 -0.87 17.20 -4.20
C VAL A 229 0.60 17.60 -4.08
N LYS A 230 1.33 17.55 -5.20
CA LYS A 230 2.74 17.90 -5.18
C LYS A 230 2.95 19.34 -4.74
N GLU A 231 2.05 20.23 -5.16
CA GLU A 231 2.17 21.64 -4.77
C GLU A 231 1.94 21.82 -3.28
N GLU A 232 0.88 21.20 -2.75
CA GLU A 232 0.58 21.35 -1.32
C GLU A 232 1.73 20.86 -0.47
N ILE A 233 2.33 19.73 -0.84
CA ILE A 233 3.52 19.25 -0.14
C ILE A 233 4.63 20.27 -0.24
N ASP A 234 4.80 20.89 -1.41
CA ASP A 234 5.88 21.84 -1.60
C ASP A 234 5.72 23.06 -0.70
N ASN A 235 4.49 23.42 -0.36
CA ASN A 235 4.24 24.61 0.45
C ASN A 235 4.58 24.40 1.92
N LEU A 236 4.61 23.15 2.40
CA LEU A 236 4.98 22.89 3.79
C LEU A 236 6.40 23.35 4.07
N GLU A 237 7.33 23.10 3.15
CA GLU A 237 8.71 23.54 3.30
C GLU A 237 8.79 25.05 3.52
N LYS A 238 8.20 25.81 2.60
CA LYS A 238 8.54 27.22 2.45
C LYS A 238 8.22 28.03 3.70
N ASN A 239 7.12 27.73 4.37
CA ASN A 239 6.66 28.53 5.51
C ASN A 239 7.14 27.96 6.84
N ASN A 240 8.45 27.70 6.93
CA ASN A 240 9.06 27.26 8.18
C ASN A 240 10.09 28.29 8.63
N ILE A 241 10.23 28.41 9.94
CA ILE A 241 11.39 29.07 10.53
C ILE A 241 12.46 28.07 10.92
N MET A 242 12.14 26.77 10.95
CA MET A 242 13.02 25.74 11.43
C MET A 242 13.83 25.14 10.28
N ASN A 243 14.72 24.21 10.62
CA ASN A 243 15.47 23.46 9.63
C ASN A 243 14.55 22.44 8.95
N ASP A 244 15.12 21.66 8.03
CA ASP A 244 14.39 20.56 7.39
C ASP A 244 14.51 19.26 8.17
N GLU A 245 15.56 19.10 8.98
CA GLU A 245 15.61 17.96 9.90
C GLU A 245 14.39 17.96 10.82
N PHE A 246 13.99 19.13 11.30
CA PHE A 246 12.93 19.27 12.28
C PHE A 246 11.55 19.41 11.65
N LEU A 247 11.48 19.87 10.40
CA LEU A 247 10.20 19.94 9.71
C LEU A 247 9.64 18.54 9.46
N TRP A 248 10.41 17.67 8.84
CA TRP A 248 9.96 16.34 8.46
C TRP A 248 10.24 15.38 9.61
N PHE A 249 9.21 15.06 10.39
CA PHE A 249 9.32 14.12 11.51
C PHE A 249 8.98 12.71 11.01
N ASN A 250 9.91 12.16 10.23
CA ASN A 250 9.70 10.87 9.60
C ASN A 250 11.06 10.20 9.37
N THR A 251 11.01 8.99 8.79
CA THR A 251 12.24 8.22 8.59
C THR A 251 13.18 8.93 7.63
N THR A 252 12.65 9.40 6.51
CA THR A 252 13.49 10.06 5.51
C THR A 252 13.91 11.45 5.95
N LYS A 253 13.23 12.04 6.93
CA LYS A 253 13.44 13.44 7.27
C LYS A 253 13.41 14.29 6.00
N LYS A 254 12.48 13.94 5.11
CA LYS A 254 12.40 14.54 3.78
C LYS A 254 10.94 14.70 3.39
N LYS A 255 10.74 15.46 2.32
CA LYS A 255 9.40 15.66 1.79
C LYS A 255 8.78 14.33 1.39
N PRO A 256 7.51 14.08 1.66
CA PRO A 256 6.88 12.84 1.22
C PRO A 256 6.79 12.78 -0.30
N LEU A 257 7.06 11.61 -0.85
CA LEU A 257 6.82 11.40 -2.27
C LEU A 257 5.32 11.44 -2.55
N VAL A 258 4.97 11.46 -3.83
CA VAL A 258 3.58 11.49 -4.27
C VAL A 258 3.38 10.34 -5.23
N PHE A 259 2.73 9.28 -4.75
CA PHE A 259 2.39 8.13 -5.58
C PHE A 259 0.88 8.16 -5.87
N VAL A 260 0.50 7.43 -6.92
CA VAL A 260 -0.90 7.28 -7.29
C VAL A 260 -1.23 5.80 -7.37
N LYS A 261 -2.30 5.38 -6.69
CA LYS A 261 -2.76 4.00 -6.76
C LYS A 261 -3.76 3.88 -7.90
N LEU A 262 -3.38 3.16 -8.94
CA LEU A 262 -4.23 2.98 -10.11
C LEU A 262 -5.07 1.72 -9.96
N ALA A 263 -6.23 1.71 -10.63
CA ALA A 263 -7.12 0.57 -10.51
C ALA A 263 -6.84 -0.44 -11.62
N PRO A 264 -6.99 -1.74 -11.34
CA PRO A 264 -7.00 -2.71 -12.44
C PRO A 264 -8.17 -2.48 -13.37
N ASP A 265 -9.18 -1.75 -12.89
CA ASP A 265 -10.35 -1.37 -13.68
C ASP A 265 -10.00 -0.12 -14.50
N LEU A 266 -9.13 -0.32 -15.49
CA LEU A 266 -8.77 0.70 -16.48
C LEU A 266 -8.76 0.03 -17.85
N ASN A 267 -8.46 0.79 -18.88
CA ASN A 267 -8.47 0.29 -20.25
C ASN A 267 -7.35 0.94 -21.04
N GLN A 268 -6.84 0.20 -22.04
CA GLN A 268 -5.69 0.65 -22.81
C GLN A 268 -5.75 2.16 -23.07
N GLU A 269 -6.88 2.64 -23.54
CA GLU A 269 -7.11 4.07 -23.73
C GLU A 269 -6.86 4.82 -22.42
N GLN A 270 -7.68 4.56 -21.41
CA GLN A 270 -7.52 5.27 -20.14
C GLN A 270 -6.21 4.95 -19.45
N LYS A 271 -5.56 3.84 -19.82
CA LYS A 271 -4.24 3.53 -19.28
C LYS A 271 -3.15 4.32 -19.99
N LYS A 272 -3.38 4.70 -21.25
CA LYS A 272 -2.49 5.61 -21.98
C LYS A 272 -2.85 7.06 -21.76
N GLU A 273 -4.11 7.35 -21.39
CA GLU A 273 -4.44 8.67 -20.87
C GLU A 273 -3.63 8.97 -19.61
N ILE A 274 -3.77 8.11 -18.59
CA ILE A 274 -3.12 8.33 -17.31
C ILE A 274 -1.60 8.32 -17.47
N ALA A 275 -1.07 7.31 -18.16
CA ALA A 275 0.37 7.24 -18.39
C ALA A 275 0.92 8.59 -18.86
N ASP A 276 0.22 9.25 -19.78
CA ASP A 276 0.65 10.57 -20.24
C ASP A 276 0.69 11.56 -19.08
N VAL A 277 -0.40 11.64 -18.31
CA VAL A 277 -0.44 12.55 -17.16
C VAL A 277 0.73 12.26 -16.22
N LEU A 278 0.95 10.98 -15.91
CA LEU A 278 2.04 10.62 -15.01
C LEU A 278 3.37 11.10 -15.55
N LEU A 279 3.61 10.91 -16.85
CA LEU A 279 4.87 11.35 -17.44
C LEU A 279 5.02 12.87 -17.36
N GLU A 280 3.94 13.62 -17.60
CA GLU A 280 4.04 15.06 -17.65
C GLU A 280 4.16 15.67 -16.26
N THR A 281 3.49 15.08 -15.28
CA THR A 281 3.44 15.65 -13.93
C THR A 281 4.60 15.21 -13.05
N ASN A 282 5.45 14.29 -13.51
CA ASN A 282 6.60 13.82 -12.75
C ASN A 282 6.16 13.18 -11.44
N ILE A 283 5.20 12.26 -11.53
CA ILE A 283 4.76 11.50 -10.36
C ILE A 283 5.93 10.64 -9.88
N ASP A 284 6.08 10.53 -8.55
CA ASP A 284 7.21 9.81 -8.00
C ASP A 284 7.07 8.30 -8.17
N GLY A 285 5.85 7.81 -8.35
CA GLY A 285 5.62 6.38 -8.54
C GLY A 285 4.15 6.11 -8.62
N MET A 286 3.82 4.89 -9.05
CA MET A 286 2.43 4.45 -9.17
C MET A 286 2.27 3.10 -8.50
N ILE A 287 1.19 2.95 -7.73
CA ILE A 287 0.89 1.73 -7.00
C ILE A 287 -0.11 0.94 -7.84
N ILE A 288 0.27 -0.28 -8.23
CA ILE A 288 -0.51 -1.15 -9.10
C ILE A 288 -0.62 -2.51 -8.39
N SER A 289 -1.84 -2.91 -8.00
CA SER A 289 -3.08 -2.18 -8.22
C SER A 289 -4.02 -2.29 -7.01
N ASN A 290 -5.18 -1.65 -7.12
CA ASN A 290 -6.24 -1.78 -6.13
C ASN A 290 -7.05 -3.03 -6.46
N THR A 291 -8.20 -3.19 -5.80
CA THR A 291 -9.04 -4.35 -6.09
C THR A 291 -9.74 -4.19 -7.42
N THR A 292 -10.28 -5.30 -7.94
CA THR A 292 -10.94 -5.33 -9.22
C THR A 292 -12.40 -5.69 -9.06
N THR A 293 -13.23 -5.16 -9.95
CA THR A 293 -14.65 -5.50 -9.99
C THR A 293 -14.94 -6.28 -11.25
N GLN A 294 -14.14 -7.32 -11.51
CA GLN A 294 -14.24 -8.07 -12.75
C GLN A 294 -14.10 -9.58 -12.57
N ILE A 295 -13.99 -10.07 -11.34
CA ILE A 295 -13.91 -11.50 -11.09
C ILE A 295 -15.33 -12.03 -10.89
N ASN A 296 -15.73 -12.99 -11.73
CA ASN A 296 -17.10 -13.48 -11.75
C ASN A 296 -17.24 -14.97 -11.48
N ASP A 297 -16.15 -15.71 -11.37
CA ASP A 297 -16.20 -17.17 -11.28
C ASP A 297 -16.05 -17.68 -9.85
N ILE A 298 -16.37 -16.87 -8.86
CA ILE A 298 -16.28 -17.24 -7.45
C ILE A 298 -17.69 -17.55 -6.98
N LYS A 299 -17.95 -18.82 -6.64
CA LYS A 299 -19.31 -19.24 -6.36
C LYS A 299 -19.83 -18.65 -5.05
N SER A 300 -19.02 -18.64 -4.00
CA SER A 300 -19.50 -18.21 -2.70
C SER A 300 -19.71 -16.71 -2.61
N PHE A 301 -19.17 -15.93 -3.56
CA PHE A 301 -19.32 -14.48 -3.55
C PHE A 301 -20.38 -13.97 -4.52
N GLU A 302 -21.06 -14.86 -5.23
CA GLU A 302 -22.06 -14.44 -6.20
C GLU A 302 -23.13 -13.58 -5.53
N ASN A 303 -23.53 -12.50 -6.21
CA ASN A 303 -24.56 -11.55 -5.81
C ASN A 303 -24.09 -10.61 -4.70
N LYS A 304 -22.84 -10.70 -4.27
CA LYS A 304 -22.29 -9.79 -3.27
C LYS A 304 -21.59 -8.62 -3.96
N LYS A 305 -21.46 -7.52 -3.23
CA LYS A 305 -20.85 -6.30 -3.76
C LYS A 305 -19.52 -6.03 -3.09
N GLY A 306 -18.71 -5.22 -3.76
CA GLY A 306 -17.37 -4.89 -3.31
C GLY A 306 -16.33 -5.28 -4.35
N GLY A 307 -15.08 -5.00 -3.98
CA GLY A 307 -13.94 -5.31 -4.83
C GLY A 307 -13.25 -6.60 -4.39
N VAL A 308 -12.74 -7.34 -5.36
CA VAL A 308 -12.12 -8.63 -5.12
C VAL A 308 -10.62 -8.45 -4.95
N SER A 309 -10.05 -9.13 -3.96
CA SER A 309 -8.63 -9.11 -3.69
C SER A 309 -8.06 -10.51 -3.78
N GLY A 310 -6.73 -10.61 -3.83
CA GLY A 310 -6.07 -11.90 -3.69
C GLY A 310 -5.52 -12.51 -4.94
N ALA A 311 -5.43 -13.85 -4.94
CA ALA A 311 -4.67 -14.54 -5.98
C ALA A 311 -5.27 -14.34 -7.37
N LYS A 312 -6.61 -14.33 -7.46
CA LYS A 312 -7.25 -14.19 -8.76
C LYS A 312 -6.96 -12.85 -9.41
N LEU A 313 -6.52 -11.86 -8.63
CA LEU A 313 -6.12 -10.56 -9.15
C LEU A 313 -4.65 -10.53 -9.56
N LYS A 314 -3.89 -11.58 -9.22
CA LYS A 314 -2.45 -11.60 -9.50
C LYS A 314 -2.18 -11.34 -10.98
N ASP A 315 -2.65 -12.24 -11.85
CA ASP A 315 -2.34 -12.13 -13.27
C ASP A 315 -2.84 -10.81 -13.85
N ILE A 316 -4.04 -10.40 -13.46
CA ILE A 316 -4.56 -9.10 -13.90
C ILE A 316 -3.60 -7.98 -13.49
N SER A 317 -3.22 -7.95 -12.21
CA SER A 317 -2.34 -6.91 -11.73
C SER A 317 -1.00 -6.94 -12.46
N THR A 318 -0.42 -8.13 -12.64
CA THR A 318 0.86 -8.24 -13.33
C THR A 318 0.76 -7.67 -14.73
N LYS A 319 -0.27 -8.06 -15.47
CA LYS A 319 -0.48 -7.48 -16.80
C LYS A 319 -0.56 -5.96 -16.74
N PHE A 320 -1.27 -5.43 -15.73
CA PHE A 320 -1.39 -3.98 -15.61
C PHE A 320 -0.04 -3.34 -15.32
N ILE A 321 0.83 -4.03 -14.57
CA ILE A 321 2.18 -3.53 -14.35
C ILE A 321 2.93 -3.45 -15.68
N CYS A 322 2.90 -4.54 -16.45
CA CYS A 322 3.58 -4.55 -17.74
C CYS A 322 3.15 -3.39 -18.61
N GLU A 323 1.83 -3.19 -18.74
CA GLU A 323 1.33 -2.10 -19.56
C GLU A 323 1.84 -0.75 -19.06
N MET A 324 1.61 -0.46 -17.78
CA MET A 324 1.99 0.85 -17.25
C MET A 324 3.50 1.02 -17.20
N TYR A 325 4.22 -0.04 -16.84
CA TYR A 325 5.68 0.00 -16.96
C TYR A 325 6.09 0.33 -18.40
N ASN A 326 5.39 -0.26 -19.37
CA ASN A 326 5.70 -0.01 -20.77
C ASN A 326 5.23 1.38 -21.20
N TYR A 327 4.00 1.74 -20.85
CA TYR A 327 3.45 3.00 -21.33
C TYR A 327 4.27 4.20 -20.85
N THR A 328 4.93 4.08 -19.69
CA THR A 328 5.70 5.18 -19.12
C THR A 328 7.20 5.09 -19.44
N ASN A 329 7.59 4.19 -20.33
CA ASN A 329 8.99 4.07 -20.76
C ASN A 329 9.92 3.89 -19.56
N LYS A 330 9.43 3.18 -18.55
CA LYS A 330 10.21 2.79 -17.38
C LYS A 330 10.63 3.99 -16.53
N GLN A 331 10.06 5.17 -16.78
CA GLN A 331 10.49 6.38 -16.08
CA GLN A 331 10.49 6.37 -16.08
C GLN A 331 9.82 6.55 -14.73
N ILE A 332 8.74 5.81 -14.45
CA ILE A 332 8.00 5.93 -13.21
C ILE A 332 8.12 4.61 -12.45
N PRO A 333 8.71 4.59 -11.25
CA PRO A 333 8.79 3.33 -10.50
C PRO A 333 7.40 2.81 -10.14
N ILE A 334 7.28 1.50 -10.09
CA ILE A 334 6.01 0.81 -9.85
C ILE A 334 6.06 0.12 -8.51
N ILE A 335 5.00 0.28 -7.72
CA ILE A 335 4.82 -0.40 -6.44
C ILE A 335 3.76 -1.48 -6.67
N ALA A 336 4.17 -2.74 -6.53
CA ALA A 336 3.31 -3.86 -6.90
C ALA A 336 2.32 -4.20 -5.80
N SER A 337 1.11 -4.57 -6.21
CA SER A 337 0.06 -4.96 -5.28
C SER A 337 -0.98 -5.78 -6.05
N GLY A 338 -1.37 -6.92 -5.49
CA GLY A 338 -2.35 -7.77 -6.12
C GLY A 338 -1.93 -9.22 -6.21
N GLY A 339 -2.54 -10.06 -5.39
CA GLY A 339 -2.34 -11.50 -5.48
C GLY A 339 -0.91 -11.96 -5.26
N ILE A 340 -0.12 -11.21 -4.50
CA ILE A 340 1.25 -11.60 -4.19
C ILE A 340 1.23 -12.47 -2.94
N PHE A 341 1.62 -13.73 -3.10
CA PHE A 341 1.63 -14.68 -1.99
C PHE A 341 2.98 -15.36 -1.81
N SER A 342 3.69 -15.66 -2.89
CA SER A 342 4.92 -16.42 -2.83
C SER A 342 6.10 -15.60 -3.35
N GLY A 343 7.30 -16.09 -3.06
CA GLY A 343 8.48 -15.46 -3.61
C GLY A 343 8.43 -15.37 -5.13
N LEU A 344 7.94 -16.43 -5.78
CA LEU A 344 7.81 -16.40 -7.23
C LEU A 344 6.86 -15.28 -7.66
N ASP A 345 5.70 -15.20 -7.03
CA ASP A 345 4.74 -14.13 -7.36
C ASP A 345 5.42 -12.77 -7.27
N ALA A 346 6.18 -12.54 -6.20
CA ALA A 346 6.87 -11.27 -6.04
C ALA A 346 7.86 -11.05 -7.18
N LEU A 347 8.66 -12.07 -7.49
CA LEU A 347 9.65 -11.93 -8.55
C LEU A 347 8.98 -11.65 -9.89
N GLU A 348 7.81 -12.25 -10.13
CA GLU A 348 7.06 -11.94 -11.34
C GLU A 348 6.72 -10.46 -11.41
N LYS A 349 6.25 -9.90 -10.29
CA LYS A 349 5.96 -8.47 -10.24
C LYS A 349 7.23 -7.66 -10.44
N ILE A 350 8.33 -8.08 -9.84
CA ILE A 350 9.58 -7.33 -9.94
C ILE A 350 10.12 -7.41 -11.35
N GLU A 351 10.15 -8.62 -11.94
CA GLU A 351 10.61 -8.77 -13.32
C GLU A 351 9.69 -8.08 -14.31
N ALA A 352 8.43 -7.87 -13.96
CA ALA A 352 7.53 -7.13 -14.84
C ALA A 352 7.82 -5.63 -14.83
N GLY A 353 8.50 -5.13 -13.80
CA GLY A 353 8.86 -3.73 -13.75
C GLY A 353 8.69 -3.08 -12.39
N ALA A 354 8.25 -3.85 -11.41
CA ALA A 354 8.04 -3.33 -10.06
C ALA A 354 9.34 -3.25 -9.30
N SER A 355 9.48 -2.19 -8.50
CA SER A 355 10.64 -2.04 -7.62
C SER A 355 10.39 -2.61 -6.23
N VAL A 356 9.14 -2.68 -5.80
CA VAL A 356 8.78 -3.10 -4.44
C VAL A 356 7.39 -3.71 -4.48
N CYS A 357 7.10 -4.53 -3.47
CA CYS A 357 5.85 -5.27 -3.41
C CYS A 357 5.12 -5.00 -2.10
N GLN A 358 3.80 -5.02 -2.16
CA GLN A 358 2.93 -4.87 -1.00
C GLN A 358 2.06 -6.11 -0.86
N LEU A 359 1.83 -6.53 0.37
CA LEU A 359 1.02 -7.70 0.66
C LEU A 359 -0.21 -7.31 1.47
N TYR A 360 -1.31 -8.03 1.25
CA TYR A 360 -2.49 -7.91 2.09
C TYR A 360 -3.11 -9.29 2.30
N SER A 361 -3.62 -9.89 1.23
CA SER A 361 -4.29 -11.18 1.36
C SER A 361 -3.36 -12.26 1.87
N CYS A 362 -2.11 -12.26 1.40
CA CYS A 362 -1.14 -13.24 1.88
C CYS A 362 -1.09 -13.24 3.41
N LEU A 363 -1.07 -12.05 4.01
CA LEU A 363 -1.07 -11.95 5.46
C LEU A 363 -2.37 -12.49 6.05
N VAL A 364 -3.48 -12.36 5.31
CA VAL A 364 -4.76 -12.86 5.80
C VAL A 364 -4.73 -14.38 5.89
N PHE A 365 -4.18 -15.05 4.87
CA PHE A 365 -4.24 -16.50 4.79
C PHE A 365 -3.02 -17.19 5.37
N ASN A 366 -1.86 -16.54 5.37
CA ASN A 366 -0.63 -17.16 5.87
C ASN A 366 -0.16 -16.60 7.20
N GLY A 367 -0.63 -15.43 7.62
CA GLY A 367 -0.28 -14.93 8.93
C GLY A 367 1.17 -14.46 9.04
N MET A 368 1.65 -14.48 10.29
CA MET A 368 2.97 -13.93 10.63
C MET A 368 4.05 -14.30 9.61
N LYS A 369 4.30 -15.60 9.47
CA LYS A 369 5.38 -16.11 8.63
C LYS A 369 5.50 -15.39 7.29
N SER A 370 4.38 -14.85 6.81
CA SER A 370 4.31 -14.22 5.50
C SER A 370 5.58 -13.48 5.10
N ALA A 371 6.08 -12.60 5.96
CA ALA A 371 7.25 -11.80 5.60
C ALA A 371 8.52 -12.64 5.59
N VAL A 372 8.78 -13.37 6.68
CA VAL A 372 9.95 -14.25 6.73
C VAL A 372 9.94 -15.20 5.55
N GLN A 373 8.79 -15.85 5.32
CA GLN A 373 8.69 -16.88 4.29
C GLN A 373 8.94 -16.29 2.90
N ILE A 374 8.29 -15.17 2.59
CA ILE A 374 8.42 -14.64 1.23
C ILE A 374 9.82 -14.09 1.00
N LYS A 375 10.47 -13.58 2.04
CA LYS A 375 11.81 -13.04 1.86
C LYS A 375 12.83 -14.13 1.58
N ARG A 376 12.73 -15.26 2.29
CA ARG A 376 13.64 -16.37 2.01
C ARG A 376 13.39 -16.94 0.61
N GLU A 377 12.13 -17.10 0.23
CA GLU A 377 11.81 -17.60 -1.09
C GLU A 377 12.39 -16.71 -2.17
N LEU A 378 12.23 -15.39 -2.02
CA LEU A 378 12.75 -14.46 -3.01
C LEU A 378 14.27 -14.53 -3.06
N ASN A 379 14.92 -14.50 -1.89
CA ASN A 379 16.37 -14.61 -1.85
C ASN A 379 16.84 -15.91 -2.49
N HIS A 380 16.22 -17.03 -2.12
CA HIS A 380 16.61 -18.32 -2.67
C HIS A 380 16.42 -18.35 -4.19
N LEU A 381 15.33 -17.76 -4.68
CA LEU A 381 15.07 -17.77 -6.11
C LEU A 381 16.05 -16.86 -6.85
N LEU A 382 16.34 -15.68 -6.29
CA LEU A 382 17.37 -14.82 -6.89
C LEU A 382 18.70 -15.55 -7.01
N TYR A 383 18.98 -16.48 -6.08
CA TYR A 383 20.24 -17.22 -6.10
C TYR A 383 20.27 -18.22 -7.26
N GLN A 384 19.20 -19.00 -7.41
CA GLN A 384 19.19 -20.02 -8.45
C GLN A 384 19.10 -19.43 -9.85
N ARG A 385 18.46 -18.26 -9.98
CA ARG A 385 18.20 -17.68 -11.30
C ARG A 385 19.27 -16.69 -11.73
N GLY A 386 20.31 -16.49 -10.93
CA GLY A 386 21.44 -15.69 -11.35
C GLY A 386 21.21 -14.20 -11.29
N TYR A 387 21.41 -13.60 -10.12
CA TYR A 387 21.28 -12.17 -9.95
C TYR A 387 22.27 -11.71 -8.89
N TYR A 388 23.03 -10.66 -9.19
CA TYR A 388 23.92 -10.10 -8.18
C TYR A 388 23.14 -9.41 -7.07
N ASN A 389 22.10 -8.65 -7.44
CA ASN A 389 21.23 -8.01 -6.46
C ASN A 389 19.82 -7.95 -7.03
N LEU A 390 18.93 -7.26 -6.31
CA LEU A 390 17.53 -7.20 -6.74
C LEU A 390 17.35 -6.28 -7.93
N LYS A 391 17.99 -5.10 -7.89
CA LYS A 391 17.83 -4.15 -9.00
C LYS A 391 18.14 -4.81 -10.33
N GLU A 392 19.03 -5.79 -10.35
CA GLU A 392 19.29 -6.53 -11.58
C GLU A 392 18.01 -7.19 -12.10
N ALA A 393 17.09 -7.56 -11.22
CA ALA A 393 15.88 -8.26 -11.60
C ALA A 393 14.74 -7.33 -12.01
N ILE A 394 14.78 -6.07 -11.60
CA ILE A 394 13.66 -5.17 -11.86
C ILE A 394 13.49 -5.03 -13.37
N GLY A 395 12.32 -5.44 -13.86
CA GLY A 395 12.00 -5.33 -15.28
C GLY A 395 12.69 -6.31 -16.18
N ARG A 396 13.19 -7.43 -15.64
CA ARG A 396 14.02 -8.32 -16.42
C ARG A 396 13.25 -9.11 -17.48
N LYS A 397 11.92 -9.11 -17.45
CA LYS A 397 11.17 -9.73 -18.53
C LYS A 397 11.18 -8.88 -19.79
N HIS A 398 11.49 -7.59 -19.67
CA HIS A 398 11.43 -6.67 -20.80
C HIS A 398 12.79 -6.51 -21.47
C10 A1A5Q B . -5.29 -10.20 9.28
C11 A1A5Q B . -4.57 -9.10 10.07
C12 A1A5Q B . -5.28 -10.22 10.82
C13 A1A5Q B . -7.21 -12.03 9.08
C16 A1A5Q B . -5.29 -13.59 11.88
C17 A1A5Q B . -4.14 -14.08 12.51
C18 A1A5Q B . -4.11 -14.26 13.89
C19 A1A5Q B . -5.23 -13.95 14.66
C20 A1A5Q B . -6.38 -13.46 14.03
C22 A1A5Q B . -6.41 -13.28 12.64
C23 A1A5Q B . -5.20 -14.15 16.19
C27 A1A5Q B . -9.60 -8.90 7.06
C28 A1A5Q B . -10.57 -9.15 5.89
C29 A1A5Q B . -9.45 -8.13 5.74
C01 A1A5Q B . -7.47 -15.53 10.14
C04 A1A5Q B . -8.47 -12.35 8.66
C05 A1A5Q B . -9.34 -11.29 7.95
C09 A1A5Q B . -6.68 -10.62 8.82
C14 A1A5Q B . -6.68 -13.22 9.71
C15 A1A5Q B . -5.28 -13.39 10.34
F21 A1A5Q B . -7.49 -13.16 14.78
F24 A1A5Q B . -3.93 -14.47 16.57
F25 A1A5Q B . -6.04 -15.17 16.53
F26 A1A5Q B . -5.61 -13.00 16.80
N02 A1A5Q B . -7.61 -14.16 9.63
N03 A1A5Q B . -8.71 -13.65 9.00
N07 A1A5Q B . -8.81 -9.94 7.72
N08 A1A5Q B . -7.49 -9.61 8.17
O06 A1A5Q B . -10.43 -11.57 7.59
H101 A1A5Q B . -4.64 -10.72 8.85
H111 A1A5Q B . -5.01 -8.27 10.09
H112 A1A5Q B . -3.63 -9.14 10.06
H122 A1A5Q B . -6.08 -9.99 11.24
H121 A1A5Q B . -4.70 -10.87 11.21
H171 A1A5Q B . -3.39 -14.29 12.00
H181 A1A5Q B . -3.35 -14.59 14.31
H221 A1A5Q B . -7.18 -12.94 12.24
H271 A1A5Q B . -10.06 -8.36 7.71
H281 A1A5Q B . -10.44 -9.99 5.42
H282 A1A5Q B . -11.46 -8.78 6.00
H291 A1A5Q B . -8.70 -8.40 5.18
H292 A1A5Q B . -9.71 -7.21 5.77
H012 A1A5Q B . -7.21 -15.49 11.04
H013 A1A5Q B . -6.81 -15.98 9.64
H011 A1A5Q B . -8.28 -15.98 10.07
H151 A1A5Q B . -4.77 -12.62 10.15
H152 A1A5Q B . -4.87 -14.14 9.94
N1 FMN C . -6.57 0.08 -0.71
C2 FMN C . -6.48 1.43 -0.43
O2 FMN C . -5.83 2.16 -1.17
N3 FMN C . -7.10 1.95 0.68
C4 FMN C . -7.82 1.13 1.51
O4 FMN C . -8.38 1.59 2.51
C4A FMN C . -7.92 -0.22 1.23
N5 FMN C . -8.64 -1.05 2.06
C5A FMN C . -8.74 -2.40 1.79
C6 FMN C . -9.47 -3.20 2.64
C7 FMN C . -9.58 -4.57 2.39
C7M FMN C . -10.39 -5.41 3.34
C8 FMN C . -8.96 -5.11 1.27
C8M FMN C . -9.05 -6.58 0.96
C9 FMN C . -8.22 -4.29 0.41
C9A FMN C . -8.10 -2.93 0.68
N10 FMN C . -7.38 -2.11 -0.17
C10 FMN C . -7.29 -0.76 0.11
C1' FMN C . -6.70 -2.66 -1.39
C2' FMN C . -5.41 -3.39 -1.01
O2' FMN C . -4.53 -2.49 -0.37
C3' FMN C . -4.71 -3.98 -2.24
O3' FMN C . -4.52 -2.97 -3.20
C4' FMN C . -5.52 -5.11 -2.86
O4' FMN C . -6.39 -5.66 -1.90
C5' FMN C . -4.61 -6.22 -3.38
O5' FMN C . -4.06 -6.90 -2.27
P FMN C . -3.68 -8.46 -2.34
O1P FMN C . -4.35 -9.12 -1.16
O2P FMN C . -2.19 -8.65 -2.23
O3P FMN C . -4.19 -9.06 -3.63
HN3 FMN C . -7.03 2.97 0.89
H6 FMN C . -9.96 -2.77 3.52
HM71 FMN C . -10.57 -6.38 2.90
HM72 FMN C . -11.34 -4.91 3.54
HM73 FMN C . -9.84 -5.53 4.27
HM81 FMN C . -8.37 -6.82 0.13
HM82 FMN C . -10.07 -6.83 0.66
HM83 FMN C . -8.78 -7.16 1.83
H9 FMN C . -7.73 -4.72 -0.46
O2 OG6 D . -12.09 0.86 1.82
C10 OG6 D . -12.55 0.16 0.91
C06 OG6 D . -11.59 -0.16 -0.24
C07 OG6 D . -10.69 0.71 -0.74
C09 OG6 D . -9.83 0.32 -1.83
O02 OG6 D . -8.99 1.01 -2.35
N05 OG6 D . -10.04 -0.99 -2.27
C08 OG6 D . -10.96 -1.89 -1.79
O01 OG6 D . -11.08 -3.01 -2.25
N04 OG6 D . -11.71 -1.40 -0.76
O1 OG6 D . -13.69 -0.30 0.79
H2 OG6 D . -10.61 1.56 -0.38
H4 OG6 D . -9.55 -1.25 -2.93
H3 OG6 D . -12.31 -1.92 -0.41
#